data_3V7R
#
_entry.id   3V7R
#
_cell.length_a   94.600
_cell.length_b   94.600
_cell.length_c   130.680
_cell.angle_alpha   90.00
_cell.angle_beta   90.00
_cell.angle_gamma   90.00
#
_symmetry.space_group_name_H-M   'P 42 21 2'
#
loop_
_entity.id
_entity.type
_entity.pdbx_description
1 polymer 'Biotin ligase'
2 non-polymer (3aS,4S,6aR)-4-(5-{1-[4-(6-amino-9H-purin-9-yl)butyl]-1H-1,2,3-triazol-4-yl}pentyl)tetrahydro-1H-thieno[3,4-d]imidazol-2(3H)-one
3 water water
#
_entity_poly.entity_id   1
_entity_poly.type   'polypeptide(L)'
_entity_poly.pdbx_seq_one_letter_code
;HHHHHHMSKYSQDVLQLLYKNKPNYISGQSIAESLNISRTAVKKVIDQLKLEGCKIDSVNHKGHLLQQLPDIWYQGIIDQ
YTKSSALFDFSEVYDSIDSTQLAAKKSLVGNQSSFFILSDEQTKGRGRFNRHWSSSKGQGLWMSVVLRPNVAFSMISKFN
LFIALGIRDAIQHFSQDEVKVKWPNDIYIDNGKVCGFLTEMVANNDGIEAIICGIGINLTQQLENFDESIRHRATSIQLH
DKNKLDRYQFLERLLQEIEKRYNQFLTLPFSEIREEYIAASNIWNRTLLFTENDKQFKGQAIDLDYDGYLIVRDEAGESH
RLISADIDF
;
_entity_poly.pdbx_strand_id   A
#
# COMPACT_ATOMS: atom_id res chain seq x y z
N SER A 8 20.57 0.39 -17.97
CA SER A 8 21.91 0.97 -17.82
C SER A 8 21.88 2.00 -16.70
N LYS A 9 23.07 2.57 -16.47
CA LYS A 9 23.37 3.67 -15.57
C LYS A 9 22.33 4.77 -15.63
N TYR A 10 21.69 4.98 -16.81
CA TYR A 10 20.93 6.21 -17.17
C TYR A 10 19.42 5.99 -17.46
N SER A 11 19.01 4.73 -17.62
CA SER A 11 17.57 4.35 -17.59
C SER A 11 16.65 5.18 -16.65
N GLN A 12 16.78 5.07 -15.33
CA GLN A 12 15.96 5.87 -14.45
C GLN A 12 15.96 7.37 -14.84
N ASP A 13 17.11 7.92 -15.24
CA ASP A 13 17.20 9.35 -15.59
C ASP A 13 16.40 9.66 -16.85
N VAL A 14 16.51 8.83 -17.90
CA VAL A 14 15.76 9.04 -19.12
C VAL A 14 14.28 8.97 -18.75
N LEU A 15 13.89 7.91 -18.02
CA LEU A 15 12.50 7.76 -17.52
C LEU A 15 12.04 8.98 -16.76
N GLN A 16 12.84 9.46 -15.84
CA GLN A 16 12.41 10.58 -15.01
C GLN A 16 12.06 11.78 -15.88
N LEU A 17 12.81 12.01 -16.97
CA LEU A 17 12.62 13.14 -17.90
C LEU A 17 11.41 12.98 -18.79
N LEU A 18 11.18 11.74 -19.26
CA LEU A 18 9.99 11.41 -19.98
C LEU A 18 8.74 11.68 -19.09
N TYR A 19 8.75 11.24 -17.82
CA TYR A 19 7.58 11.41 -16.95
C TYR A 19 7.33 12.87 -16.66
N LYS A 20 8.37 13.55 -16.22
CA LYS A 20 8.34 14.97 -15.99
C LYS A 20 7.78 15.85 -17.13
N ASN A 21 7.91 15.46 -18.41
CA ASN A 21 7.57 16.32 -19.55
C ASN A 21 6.21 16.03 -20.17
N LYS A 22 5.52 14.97 -19.71
CA LYS A 22 4.10 14.71 -20.07
C LYS A 22 3.26 16.01 -19.97
N PRO A 23 2.38 16.29 -20.96
CA PRO A 23 2.03 15.47 -22.15
C PRO A 23 2.80 15.88 -23.42
N ASN A 24 3.93 16.58 -23.22
CA ASN A 24 4.86 16.92 -24.30
C ASN A 24 5.85 15.81 -24.69
N TYR A 25 6.30 15.87 -25.94
CA TYR A 25 7.36 15.05 -26.44
C TYR A 25 8.67 15.75 -26.01
N ILE A 26 9.73 15.00 -25.69
CA ILE A 26 11.07 15.60 -25.74
C ILE A 26 11.97 14.83 -26.73
N SER A 27 12.93 15.51 -27.34
CA SER A 27 13.75 14.85 -28.37
C SER A 27 14.98 14.14 -27.78
N GLY A 28 15.44 13.08 -28.46
CA GLY A 28 16.69 12.40 -28.14
C GLY A 28 17.77 13.44 -27.86
N GLN A 29 17.93 14.34 -28.83
CA GLN A 29 18.88 15.42 -28.75
C GLN A 29 18.80 15.96 -27.36
N SER A 30 17.61 16.39 -26.95
CA SER A 30 17.45 17.15 -25.69
C SER A 30 17.70 16.31 -24.42
N ILE A 31 17.31 15.05 -24.47
CA ILE A 31 17.58 14.18 -23.36
C ILE A 31 19.10 14.10 -23.33
N ALA A 32 19.73 13.87 -24.49
CA ALA A 32 21.18 13.71 -24.62
C ALA A 32 22.02 14.86 -24.04
N GLU A 33 21.59 16.10 -24.28
CA GLU A 33 22.10 17.27 -23.57
C GLU A 33 21.75 17.35 -22.06
N SER A 34 20.64 16.81 -21.59
CA SER A 34 20.43 16.86 -20.15
C SER A 34 21.39 16.00 -19.36
N LEU A 35 21.67 14.80 -19.85
CA LEU A 35 22.41 13.79 -19.14
C LEU A 35 23.86 13.79 -19.55
N ASN A 36 24.21 14.71 -20.47
CA ASN A 36 25.53 14.73 -21.10
C ASN A 36 25.91 13.39 -21.69
N ILE A 37 25.05 12.80 -22.49
CA ILE A 37 25.43 11.54 -23.11
C ILE A 37 25.10 11.63 -24.60
N SER A 38 25.53 10.64 -25.37
CA SER A 38 25.37 10.69 -26.80
C SER A 38 23.94 10.38 -27.23
N ARG A 39 23.49 10.99 -28.33
CA ARG A 39 22.22 10.64 -28.94
C ARG A 39 22.11 9.13 -29.13
N THR A 40 23.20 8.48 -29.49
CA THR A 40 23.03 7.06 -29.79
C THR A 40 22.85 6.22 -28.47
N ALA A 41 23.42 6.71 -27.36
CA ALA A 41 23.14 6.16 -26.03
C ALA A 41 21.68 6.38 -25.56
N VAL A 42 21.13 7.58 -25.80
CA VAL A 42 19.69 7.80 -25.59
C VAL A 42 18.79 6.78 -26.31
N LYS A 43 19.03 6.55 -27.61
CA LYS A 43 18.28 5.53 -28.39
C LYS A 43 18.41 4.14 -27.74
N LYS A 44 19.60 3.76 -27.32
CA LYS A 44 19.78 2.44 -26.71
C LYS A 44 18.97 2.31 -25.42
N VAL A 45 19.04 3.34 -24.57
CA VAL A 45 18.28 3.38 -23.35
C VAL A 45 16.77 3.29 -23.63
N ILE A 46 16.33 3.97 -24.70
CA ILE A 46 14.90 3.97 -25.02
C ILE A 46 14.47 2.68 -25.61
N ASP A 47 15.30 2.07 -26.43
CA ASP A 47 15.02 0.71 -26.94
C ASP A 47 14.81 -0.22 -25.76
N GLN A 48 15.69 -0.17 -24.76
CA GLN A 48 15.55 -1.07 -23.61
C GLN A 48 14.28 -0.76 -22.76
N LEU A 49 13.95 0.50 -22.53
CA LEU A 49 12.72 0.76 -21.79
C LEU A 49 11.46 0.15 -22.47
N LYS A 50 11.52 0.04 -23.80
CA LYS A 50 10.41 -0.45 -24.59
C LYS A 50 10.36 -1.93 -24.45
N LEU A 51 11.53 -2.58 -24.48
CA LEU A 51 11.61 -4.03 -24.23
C LEU A 51 11.01 -4.41 -22.87
N GLU A 52 11.37 -3.67 -21.81
CA GLU A 52 10.73 -3.83 -20.50
C GLU A 52 9.20 -3.55 -20.52
N GLY A 53 8.68 -3.08 -21.64
CA GLY A 53 7.25 -2.87 -21.71
C GLY A 53 6.83 -1.46 -21.38
N CYS A 54 7.76 -0.51 -21.40
CA CYS A 54 7.33 0.87 -21.42
C CYS A 54 6.72 1.13 -22.81
N LYS A 55 5.68 1.95 -22.82
CA LYS A 55 5.01 2.34 -24.02
C LYS A 55 5.35 3.83 -24.29
N ILE A 56 6.25 4.01 -25.26
CA ILE A 56 6.81 5.33 -25.57
C ILE A 56 6.50 5.66 -27.02
N ASP A 57 5.87 6.81 -27.24
CA ASP A 57 5.64 7.19 -28.63
C ASP A 57 6.86 7.93 -29.19
N SER A 58 7.49 7.38 -30.23
CA SER A 58 8.70 7.98 -30.84
C SER A 58 8.38 8.53 -32.24
N VAL A 59 8.43 9.85 -32.40
CA VAL A 59 8.04 10.50 -33.66
C VAL A 59 9.25 11.24 -34.20
N ASN A 60 9.71 10.84 -35.40
CA ASN A 60 10.73 11.60 -36.20
C ASN A 60 10.49 13.08 -36.11
N HIS A 61 11.51 13.86 -35.77
CA HIS A 61 11.43 15.33 -35.75
C HIS A 61 10.89 15.93 -34.50
N LYS A 62 10.16 15.16 -33.71
CA LYS A 62 9.42 15.67 -32.54
C LYS A 62 9.95 15.05 -31.23
N GLY A 63 10.07 13.73 -31.18
CA GLY A 63 10.65 13.16 -29.98
C GLY A 63 9.86 12.05 -29.36
N HIS A 64 9.97 11.94 -28.03
CA HIS A 64 9.51 10.76 -27.32
C HIS A 64 8.51 11.26 -26.30
N LEU A 65 7.48 10.43 -26.13
CA LEU A 65 6.45 10.66 -25.12
C LEU A 65 6.11 9.33 -24.46
N LEU A 66 6.14 9.36 -23.12
CA LEU A 66 5.87 8.18 -22.32
C LEU A 66 4.37 7.99 -22.29
N GLN A 67 3.87 6.90 -22.88
CA GLN A 67 2.41 6.66 -22.84
C GLN A 67 1.96 5.75 -21.71
N GLN A 68 2.69 4.65 -21.45
CA GLN A 68 2.27 3.68 -20.44
C GLN A 68 3.46 3.04 -19.74
N LEU A 69 3.44 2.97 -18.40
CA LEU A 69 4.46 2.22 -17.65
C LEU A 69 4.09 0.74 -17.41
N PRO A 70 5.09 -0.17 -17.39
CA PRO A 70 4.72 -1.58 -17.20
C PRO A 70 4.52 -1.92 -15.68
N ASP A 71 4.21 -3.18 -15.36
CA ASP A 71 4.07 -3.55 -13.94
C ASP A 71 5.38 -3.80 -13.20
N ILE A 72 6.19 -2.74 -13.12
CA ILE A 72 7.50 -2.75 -12.55
C ILE A 72 7.66 -1.36 -11.93
N TRP A 73 8.03 -1.28 -10.66
CA TRP A 73 8.31 0.02 -10.06
C TRP A 73 9.67 0.58 -10.52
N TYR A 74 9.76 1.88 -10.78
CA TYR A 74 10.97 2.50 -11.28
C TYR A 74 11.39 3.62 -10.36
N GLN A 75 12.62 3.58 -9.84
CA GLN A 75 13.01 4.54 -8.85
C GLN A 75 12.84 5.93 -9.42
N GLY A 76 13.11 6.01 -10.72
CA GLY A 76 13.21 7.33 -11.36
C GLY A 76 11.84 7.99 -11.23
N ILE A 77 10.78 7.26 -11.57
CA ILE A 77 9.42 7.76 -11.48
C ILE A 77 8.99 8.01 -10.03
N ILE A 78 9.19 7.04 -9.14
CA ILE A 78 8.83 7.27 -7.77
C ILE A 78 9.58 8.46 -7.26
N ASP A 79 10.81 8.75 -7.74
CA ASP A 79 11.46 10.02 -7.29
C ASP A 79 10.60 11.26 -7.53
N GLN A 80 9.75 11.24 -8.58
CA GLN A 80 8.83 12.34 -8.81
C GLN A 80 7.69 12.41 -7.77
N TYR A 81 7.12 11.25 -7.40
CA TYR A 81 6.09 11.21 -6.31
C TYR A 81 6.63 11.79 -5.04
N THR A 82 7.87 11.47 -4.69
CA THR A 82 8.41 12.09 -3.47
C THR A 82 8.77 13.58 -3.56
N LYS A 83 9.34 14.03 -4.70
CA LYS A 83 9.68 15.46 -4.88
C LYS A 83 8.47 16.35 -4.54
N SER A 84 7.31 16.06 -5.14
CA SER A 84 6.15 16.92 -4.97
C SER A 84 5.38 16.66 -3.68
N SER A 85 5.89 15.75 -2.84
CA SER A 85 5.16 15.33 -1.63
C SER A 85 5.41 16.14 -0.36
N ALA A 86 4.33 16.42 0.34
CA ALA A 86 4.41 17.19 1.55
C ALA A 86 4.70 16.31 2.78
N LEU A 87 4.74 14.99 2.59
CA LEU A 87 4.75 14.09 3.70
C LEU A 87 6.08 13.32 3.78
N PHE A 88 6.58 12.87 2.62
CA PHE A 88 7.67 11.92 2.46
C PHE A 88 8.97 12.55 1.95
N ASP A 89 10.05 12.34 2.71
CA ASP A 89 11.36 12.78 2.38
C ASP A 89 11.98 12.02 1.21
N PHE A 90 11.76 10.71 1.10
CA PHE A 90 12.30 9.94 -0.03
C PHE A 90 11.60 8.59 -0.10
N SER A 91 11.96 7.74 -1.05
CA SER A 91 11.50 6.37 -1.06
C SER A 91 12.66 5.49 -1.51
N GLU A 92 12.55 4.18 -1.33
CA GLU A 92 13.50 3.24 -1.92
C GLU A 92 12.74 2.21 -2.71
N VAL A 93 13.21 1.79 -3.84
CA VAL A 93 12.44 0.87 -4.65
C VAL A 93 13.31 -0.30 -4.99
N TYR A 94 12.76 -1.52 -5.03
CA TYR A 94 13.54 -2.72 -5.14
C TYR A 94 12.81 -3.61 -6.07
N ASP A 95 13.54 -4.38 -6.88
CA ASP A 95 12.85 -5.41 -7.64
C ASP A 95 12.44 -6.56 -6.75
N SER A 96 13.30 -6.94 -5.81
CA SER A 96 13.04 -8.09 -4.92
C SER A 96 13.75 -7.85 -3.61
N ILE A 97 13.12 -8.13 -2.48
CA ILE A 97 13.77 -7.90 -1.18
C ILE A 97 13.26 -8.97 -0.24
N ASP A 98 13.81 -9.08 0.96
CA ASP A 98 13.24 -10.00 1.96
C ASP A 98 11.82 -9.49 2.44
N SER A 99 11.74 -8.22 2.81
CA SER A 99 10.48 -7.67 3.21
C SER A 99 10.61 -6.18 3.32
N THR A 100 9.69 -5.45 2.71
CA THR A 100 9.78 -3.99 2.86
C THR A 100 9.68 -3.54 4.33
N GLN A 101 9.06 -4.34 5.18
CA GLN A 101 8.94 -4.06 6.60
C GLN A 101 10.28 -4.22 7.36
N LEU A 102 11.05 -5.28 7.04
CA LEU A 102 12.42 -5.38 7.61
C LEU A 102 13.30 -4.18 7.15
N ALA A 103 13.17 -3.84 5.89
CA ALA A 103 13.98 -2.80 5.29
C ALA A 103 13.67 -1.46 5.98
N ALA A 104 12.35 -1.16 6.11
CA ALA A 104 11.92 0.05 6.82
C ALA A 104 12.38 0.06 8.26
N LYS A 105 12.20 -1.03 8.98
CA LYS A 105 12.64 -0.99 10.36
C LYS A 105 14.12 -0.73 10.47
N LYS A 106 14.93 -1.15 9.47
CA LYS A 106 16.36 -0.88 9.46
C LYS A 106 16.65 0.58 9.03
N SER A 107 15.97 1.04 7.98
CA SER A 107 16.18 2.41 7.52
C SER A 107 15.75 3.54 8.45
N LEU A 108 14.88 3.27 9.45
CA LEU A 108 14.39 4.38 10.28
C LEU A 108 15.36 4.70 11.40
N VAL A 109 16.27 3.78 11.69
CA VAL A 109 17.16 3.92 12.85
C VAL A 109 18.13 5.08 12.68
N GLY A 110 18.17 5.98 13.65
CA GLY A 110 19.15 7.03 13.69
C GLY A 110 18.75 8.31 12.92
N ASN A 111 17.53 8.37 12.38
CA ASN A 111 17.05 9.57 11.70
C ASN A 111 15.57 9.81 11.97
N GLN A 112 15.10 11.02 11.62
CA GLN A 112 13.67 11.36 11.65
C GLN A 112 12.97 11.49 10.28
N SER A 113 13.47 10.84 9.22
CA SER A 113 12.88 10.92 7.94
C SER A 113 11.58 10.19 7.95
N SER A 114 10.70 10.56 7.00
CA SER A 114 9.47 9.88 6.69
C SER A 114 9.72 9.43 5.29
N PHE A 115 9.34 8.19 4.95
CA PHE A 115 9.65 7.63 3.66
C PHE A 115 8.79 6.38 3.43
N PHE A 116 8.83 5.81 2.25
CA PHE A 116 8.24 4.53 2.06
C PHE A 116 9.10 3.60 1.21
N ILE A 117 8.88 2.30 1.28
CA ILE A 117 9.70 1.39 0.57
C ILE A 117 8.76 0.51 -0.17
N LEU A 118 9.00 0.32 -1.48
CA LEU A 118 8.22 -0.50 -2.34
C LEU A 118 9.07 -1.60 -2.87
N SER A 119 8.51 -2.74 -3.15
CA SER A 119 9.33 -3.75 -3.81
C SER A 119 8.45 -4.56 -4.68
N ASP A 120 8.98 -5.02 -5.80
CA ASP A 120 8.11 -5.69 -6.73
C ASP A 120 7.78 -7.07 -6.22
N GLU A 121 8.69 -7.68 -5.46
CA GLU A 121 8.42 -8.97 -4.89
C GLU A 121 8.98 -9.02 -3.49
N GLN A 122 8.45 -9.92 -2.64
CA GLN A 122 9.11 -10.15 -1.35
C GLN A 122 9.38 -11.61 -1.28
N THR A 123 10.54 -12.02 -0.77
CA THR A 123 10.86 -13.43 -0.61
C THR A 123 10.54 -13.89 0.83
N LYS A 124 10.25 -12.95 1.73
CA LYS A 124 10.04 -13.24 3.14
C LYS A 124 8.97 -12.28 3.72
N GLY A 125 7.93 -12.08 2.93
CA GLY A 125 6.82 -11.28 3.41
C GLY A 125 6.13 -11.91 4.60
N ARG A 126 5.96 -11.13 5.65
CA ARG A 126 5.24 -11.59 6.83
C ARG A 126 4.02 -10.71 7.19
N GLY A 127 2.94 -11.29 7.68
CA GLY A 127 1.81 -10.52 8.20
C GLY A 127 1.85 -10.56 9.69
N ARG A 128 0.66 -10.49 10.30
CA ARG A 128 0.55 -10.64 11.76
C ARG A 128 0.96 -12.04 12.28
N PHE A 129 1.47 -12.06 13.51
CA PHE A 129 1.86 -13.27 14.17
C PHE A 129 2.83 -14.07 13.30
N ASN A 130 3.65 -13.38 12.49
CA ASN A 130 4.69 -13.98 11.66
C ASN A 130 4.13 -14.91 10.57
N ARG A 131 2.89 -14.65 10.18
CA ARG A 131 2.28 -15.40 9.11
C ARG A 131 2.93 -15.06 7.79
N HIS A 132 3.03 -16.04 6.90
CA HIS A 132 3.49 -15.77 5.54
C HIS A 132 2.55 -14.82 4.68
N TRP A 133 3.10 -13.79 4.07
CA TRP A 133 2.31 -12.93 3.20
C TRP A 133 2.85 -13.12 1.81
N SER A 134 2.02 -13.64 0.93
CA SER A 134 2.41 -13.95 -0.43
C SER A 134 2.62 -12.66 -1.16
N SER A 135 3.78 -12.51 -1.76
CA SER A 135 4.12 -11.25 -2.41
C SER A 135 4.63 -11.44 -3.86
N SER A 136 3.77 -11.98 -4.73
CA SER A 136 4.13 -12.26 -6.12
C SER A 136 4.80 -11.11 -6.93
N LYS A 137 5.91 -11.42 -7.62
CA LYS A 137 6.51 -10.44 -8.53
C LYS A 137 5.53 -9.89 -9.56
N GLY A 138 5.35 -8.58 -9.55
CA GLY A 138 4.57 -7.92 -10.56
C GLY A 138 3.08 -7.89 -10.31
N GLN A 139 2.58 -8.45 -9.22
CA GLN A 139 1.14 -8.58 -9.08
C GLN A 139 0.45 -7.79 -7.97
N GLY A 140 1.26 -7.07 -7.20
CA GLY A 140 0.72 -6.31 -6.08
C GLY A 140 1.60 -5.19 -5.60
N LEU A 141 1.02 -4.40 -4.71
CA LEU A 141 1.69 -3.33 -4.04
C LEU A 141 2.13 -3.86 -2.67
N TRP A 142 3.46 -4.00 -2.51
CA TRP A 142 4.07 -4.45 -1.28
C TRP A 142 4.86 -3.29 -0.76
N MET A 143 4.32 -2.62 0.27
CA MET A 143 4.83 -1.31 0.62
C MET A 143 4.97 -1.20 2.12
N SER A 144 5.98 -0.47 2.60
CA SER A 144 6.05 -0.11 4.01
C SER A 144 6.20 1.40 4.14
N VAL A 145 5.48 2.02 5.07
CA VAL A 145 5.42 3.46 5.12
C VAL A 145 5.96 3.88 6.50
N VAL A 146 6.96 4.78 6.58
CA VAL A 146 7.46 5.25 7.89
C VAL A 146 7.06 6.70 8.16
N LEU A 147 6.28 6.92 9.21
CA LEU A 147 5.78 8.25 9.57
C LEU A 147 6.26 8.66 10.96
N ARG A 148 6.09 9.95 11.33
CA ARG A 148 6.67 10.47 12.59
C ARG A 148 5.71 11.32 13.35
N PRO A 149 4.53 10.78 13.64
CA PRO A 149 3.60 11.53 14.49
C PRO A 149 4.19 11.80 15.85
N ASN A 150 4.12 13.03 16.31
CA ASN A 150 4.53 13.29 17.70
C ASN A 150 3.39 12.92 18.69
N VAL A 151 3.34 11.71 19.22
CA VAL A 151 2.17 11.30 20.02
C VAL A 151 2.52 10.17 20.97
N ALA A 152 1.60 9.86 21.90
CA ALA A 152 1.90 8.84 22.93
C ALA A 152 1.86 7.45 22.30
N PHE A 153 2.58 6.49 22.87
CA PHE A 153 2.59 5.15 22.26
C PHE A 153 1.21 4.52 22.19
N SER A 154 0.31 4.88 23.10
CA SER A 154 -1.05 4.34 22.99
C SER A 154 -1.86 4.69 21.74
N MET A 155 -1.36 5.57 20.88
CA MET A 155 -2.11 6.01 19.73
C MET A 155 -1.87 5.16 18.52
N ILE A 156 -1.07 4.13 18.72
CA ILE A 156 -0.92 3.17 17.63
C ILE A 156 -2.26 2.63 17.13
N SER A 157 -3.19 2.27 18.05
CA SER A 157 -4.48 1.65 17.68
C SER A 157 -5.36 2.59 16.91
N LYS A 158 -5.41 3.82 17.36
CA LYS A 158 -6.05 4.87 16.60
C LYS A 158 -5.46 5.05 15.18
N PHE A 159 -4.13 5.10 15.05
CA PHE A 159 -3.50 5.28 13.73
C PHE A 159 -4.06 4.24 12.82
N ASN A 160 -4.01 3.03 13.34
CA ASN A 160 -4.45 1.90 12.60
C ASN A 160 -5.91 1.93 12.10
N LEU A 161 -6.84 2.55 12.83
CA LEU A 161 -8.23 2.70 12.35
C LEU A 161 -8.37 3.69 11.18
N PHE A 162 -7.67 4.84 11.29
CA PHE A 162 -7.74 5.88 10.25
C PHE A 162 -7.18 5.40 8.95
N ILE A 163 -5.99 4.75 8.98
CA ILE A 163 -5.32 4.32 7.78
C ILE A 163 -6.15 3.27 7.00
N ALA A 164 -6.91 2.44 7.75
CA ALA A 164 -7.82 1.50 7.12
C ALA A 164 -8.77 2.20 6.17
N LEU A 165 -9.38 3.31 6.57
CA LEU A 165 -10.34 3.97 5.66
C LEU A 165 -9.62 4.59 4.45
N GLY A 166 -8.43 5.16 4.71
CA GLY A 166 -7.51 5.57 3.66
C GLY A 166 -7.36 4.47 2.66
N ILE A 167 -6.91 3.30 3.12
CA ILE A 167 -6.62 2.21 2.17
C ILE A 167 -7.88 1.78 1.46
N ARG A 168 -8.99 1.75 2.22
CA ARG A 168 -10.22 1.28 1.66
C ARG A 168 -10.69 2.23 0.53
N ASP A 169 -10.61 3.55 0.77
CA ASP A 169 -11.08 4.52 -0.26
C ASP A 169 -10.25 4.37 -1.53
N ALA A 170 -8.93 4.27 -1.40
CA ALA A 170 -8.05 3.99 -2.54
C ALA A 170 -8.38 2.74 -3.30
N ILE A 171 -8.62 1.61 -2.63
CA ILE A 171 -9.10 0.42 -3.36
C ILE A 171 -10.53 0.64 -3.97
N GLN A 172 -11.45 1.30 -3.25
CA GLN A 172 -12.79 1.50 -3.78
C GLN A 172 -12.80 2.17 -5.16
N HIS A 173 -12.02 3.24 -5.28
CA HIS A 173 -11.95 4.07 -6.46
C HIS A 173 -11.65 3.25 -7.73
N PHE A 174 -11.17 2.02 -7.59
CA PHE A 174 -10.84 1.20 -8.76
C PHE A 174 -11.67 -0.07 -8.89
N SER A 175 -12.50 -0.40 -7.89
CA SER A 175 -13.29 -1.60 -8.04
C SER A 175 -14.71 -1.25 -8.31
N GLN A 176 -15.30 -1.99 -9.24
CA GLN A 176 -16.72 -1.88 -9.51
C GLN A 176 -17.53 -2.46 -8.35
N ASP A 177 -16.96 -3.45 -7.63
CA ASP A 177 -17.64 -4.09 -6.46
C ASP A 177 -17.35 -3.44 -5.09
N GLU A 178 -18.15 -3.78 -4.10
CA GLU A 178 -17.98 -3.21 -2.75
C GLU A 178 -16.73 -3.63 -1.92
N VAL A 179 -16.10 -2.67 -1.26
CA VAL A 179 -14.80 -2.83 -0.62
C VAL A 179 -15.00 -2.59 0.87
N LYS A 180 -14.70 -3.54 1.70
CA LYS A 180 -15.07 -3.36 3.10
C LYS A 180 -13.89 -3.62 3.96
N VAL A 181 -13.88 -3.03 5.14
CA VAL A 181 -12.81 -3.31 6.07
C VAL A 181 -13.19 -4.46 6.99
N LYS A 182 -12.27 -5.41 7.20
CA LYS A 182 -12.37 -6.37 8.28
C LYS A 182 -11.48 -6.05 9.45
N TRP A 183 -12.07 -5.47 10.51
CA TRP A 183 -11.33 -4.90 11.63
C TRP A 183 -10.46 -5.97 12.23
N PRO A 184 -9.25 -5.64 12.65
CA PRO A 184 -8.68 -4.31 12.45
C PRO A 184 -7.63 -4.21 11.32
N ASN A 185 -7.49 -5.19 10.43
CA ASN A 185 -6.30 -5.30 9.61
C ASN A 185 -6.55 -5.87 8.23
N ASP A 186 -7.79 -5.97 7.75
CA ASP A 186 -7.95 -6.63 6.47
C ASP A 186 -9.01 -5.88 5.66
N ILE A 187 -8.89 -5.90 4.34
CA ILE A 187 -9.84 -5.27 3.45
C ILE A 187 -10.39 -6.37 2.52
N TYR A 188 -11.68 -6.38 2.22
CA TYR A 188 -12.23 -7.42 1.35
C TYR A 188 -13.03 -6.80 0.20
N ILE A 189 -13.14 -7.55 -0.89
CA ILE A 189 -14.08 -7.27 -1.98
C ILE A 189 -14.83 -8.61 -2.14
N ASP A 190 -16.11 -8.58 -1.76
CA ASP A 190 -16.95 -9.79 -1.51
C ASP A 190 -16.30 -10.68 -0.46
N ASN A 191 -16.10 -11.96 -0.77
CA ASN A 191 -15.45 -12.87 0.14
C ASN A 191 -13.93 -12.96 -0.09
N GLY A 192 -13.40 -12.16 -0.99
CA GLY A 192 -11.96 -12.20 -1.25
C GLY A 192 -11.19 -11.18 -0.46
N LYS A 193 -10.16 -11.65 0.24
CA LYS A 193 -9.16 -10.77 0.86
C LYS A 193 -8.24 -10.05 -0.24
N VAL A 194 -8.32 -8.73 -0.29
CA VAL A 194 -7.62 -8.00 -1.28
C VAL A 194 -6.45 -7.22 -0.68
N CYS A 195 -6.47 -7.01 0.62
CA CYS A 195 -5.34 -6.34 1.27
C CYS A 195 -5.17 -6.68 2.73
N GLY A 196 -3.93 -6.70 3.20
CA GLY A 196 -3.66 -6.77 4.64
C GLY A 196 -2.67 -5.71 5.00
N PHE A 197 -2.77 -5.17 6.18
CA PHE A 197 -1.87 -4.16 6.59
C PHE A 197 -1.71 -4.32 8.08
N LEU A 198 -0.65 -3.72 8.60
CA LEU A 198 -0.22 -3.92 9.96
C LEU A 198 0.50 -2.65 10.33
N THR A 199 0.18 -2.08 11.45
CA THR A 199 0.84 -0.91 11.91
C THR A 199 1.70 -1.27 13.10
N GLU A 200 2.95 -0.84 13.08
CA GLU A 200 3.88 -1.18 14.11
C GLU A 200 4.55 0.10 14.52
N MET A 201 5.20 0.10 15.67
CA MET A 201 5.81 1.28 16.15
C MET A 201 7.15 0.99 16.84
N VAL A 202 8.06 1.98 16.79
CA VAL A 202 9.15 2.02 17.72
C VAL A 202 8.79 3.12 18.69
N ALA A 203 8.89 2.85 20.00
CA ALA A 203 8.43 3.84 20.99
C ALA A 203 9.05 3.63 22.33
N ASN A 204 9.02 4.64 23.17
CA ASN A 204 9.34 4.51 24.57
C ASN A 204 8.26 5.28 25.42
N ASN A 205 8.48 5.51 26.73
CA ASN A 205 7.42 6.05 27.60
C ASN A 205 7.03 7.46 27.24
N ASP A 206 7.99 8.18 26.68
CA ASP A 206 7.88 9.53 26.26
C ASP A 206 7.21 9.66 24.87
N GLY A 207 7.17 8.66 24.01
CA GLY A 207 6.41 8.91 22.82
C GLY A 207 6.83 7.99 21.72
N ILE A 208 6.15 8.05 20.59
CA ILE A 208 6.49 7.30 19.43
C ILE A 208 7.71 7.91 18.68
N GLU A 209 8.79 7.13 18.48
CA GLU A 209 9.91 7.43 17.61
C GLU A 209 9.57 7.17 16.17
N ALA A 210 8.74 6.17 15.86
CA ALA A 210 8.30 5.95 14.44
C ALA A 210 7.08 5.04 14.34
N ILE A 211 6.17 5.27 13.40
CA ILE A 211 5.18 4.29 13.01
C ILE A 211 5.70 3.61 11.70
N ILE A 212 5.55 2.29 11.57
CA ILE A 212 5.83 1.59 10.34
C ILE A 212 4.58 0.83 9.94
N CYS A 213 3.98 1.20 8.81
CA CYS A 213 2.75 0.59 8.38
C CYS A 213 3.03 -0.24 7.16
N GLY A 214 2.97 -1.58 7.28
CA GLY A 214 3.21 -2.47 6.11
C GLY A 214 1.86 -2.65 5.45
N ILE A 215 1.77 -2.54 4.13
CA ILE A 215 0.52 -2.61 3.42
C ILE A 215 0.73 -3.48 2.17
N GLY A 216 -0.09 -4.52 2.02
CA GLY A 216 0.05 -5.45 0.93
C GLY A 216 -1.27 -5.44 0.22
N ILE A 217 -1.26 -5.15 -1.08
CA ILE A 217 -2.51 -5.05 -1.79
C ILE A 217 -2.37 -5.87 -3.05
N ASN A 218 -3.28 -6.82 -3.23
CA ASN A 218 -3.25 -7.61 -4.44
C ASN A 218 -3.78 -6.76 -5.59
N LEU A 219 -3.00 -6.64 -6.67
CA LEU A 219 -3.37 -5.77 -7.77
C LEU A 219 -3.81 -6.54 -9.04
N THR A 220 -3.03 -7.50 -9.51
CA THR A 220 -3.40 -8.11 -10.78
C THR A 220 -3.31 -9.61 -10.83
N GLN A 221 -3.23 -10.27 -9.68
CA GLN A 221 -3.26 -11.72 -9.70
C GLN A 221 -4.57 -12.16 -10.33
N GLN A 222 -4.50 -13.13 -11.24
CA GLN A 222 -5.67 -13.95 -11.55
C GLN A 222 -5.76 -14.94 -10.40
N LEU A 223 -6.96 -15.51 -10.19
CA LEU A 223 -7.19 -16.57 -9.16
C LEU A 223 -6.20 -17.71 -9.31
N GLU A 224 -5.82 -18.01 -10.56
CA GLU A 224 -4.78 -18.99 -10.92
C GLU A 224 -3.40 -18.66 -10.25
N ASN A 225 -3.11 -17.38 -10.02
CA ASN A 225 -1.78 -16.94 -9.55
C ASN A 225 -1.55 -17.09 -8.05
N PHE A 226 -2.63 -17.14 -7.29
CA PHE A 226 -2.52 -17.41 -5.85
C PHE A 226 -2.15 -18.86 -5.60
N ASP A 227 -1.76 -19.14 -4.36
CA ASP A 227 -1.51 -20.48 -3.92
C ASP A 227 -2.84 -21.15 -3.52
N GLU A 228 -2.96 -22.46 -3.75
CA GLU A 228 -4.22 -23.20 -3.52
C GLU A 228 -4.76 -23.13 -2.06
N SER A 229 -3.85 -23.01 -1.09
CA SER A 229 -4.25 -22.89 0.32
C SER A 229 -4.99 -21.58 0.62
N ILE A 230 -4.66 -20.51 -0.12
CA ILE A 230 -5.34 -19.21 0.04
C ILE A 230 -6.30 -18.79 -1.09
N ARG A 231 -6.21 -19.48 -2.24
CA ARG A 231 -6.97 -19.14 -3.46
C ARG A 231 -8.48 -18.85 -3.28
N HIS A 232 -9.16 -19.60 -2.43
CA HIS A 232 -10.61 -19.37 -2.31
C HIS A 232 -10.96 -18.17 -1.46
N ARG A 233 -10.03 -17.67 -0.64
CA ARG A 233 -10.35 -16.44 0.07
C ARG A 233 -9.43 -15.27 -0.29
N ALA A 234 -8.89 -15.30 -1.51
CA ALA A 234 -8.10 -14.20 -2.03
C ALA A 234 -8.72 -13.62 -3.26
N THR A 235 -8.56 -12.33 -3.44
CA THR A 235 -8.91 -11.70 -4.72
C THR A 235 -7.98 -10.52 -4.96
N SER A 236 -8.02 -9.94 -6.15
CA SER A 236 -7.18 -8.78 -6.51
C SER A 236 -8.04 -7.64 -7.05
N ILE A 237 -7.50 -6.44 -7.09
CA ILE A 237 -8.27 -5.30 -7.56
C ILE A 237 -8.70 -5.58 -9.01
N GLN A 238 -7.82 -6.20 -9.81
CA GLN A 238 -8.09 -6.42 -11.24
C GLN A 238 -9.37 -7.25 -11.49
N LEU A 239 -9.55 -8.34 -10.75
CA LEU A 239 -10.80 -9.13 -10.81
C LEU A 239 -12.14 -8.36 -10.50
N HIS A 240 -12.06 -7.08 -10.15
CA HIS A 240 -13.26 -6.29 -9.89
C HIS A 240 -13.16 -4.93 -10.60
N ASP A 241 -12.40 -4.91 -11.69
CA ASP A 241 -12.21 -3.73 -12.54
C ASP A 241 -12.38 -4.14 -14.00
N LYS A 242 -13.21 -3.42 -14.76
CA LYS A 242 -13.37 -3.70 -16.24
C LYS A 242 -12.11 -3.26 -17.04
N ASN A 243 -11.59 -2.06 -16.73
CA ASN A 243 -10.29 -1.48 -17.20
C ASN A 243 -8.97 -2.06 -16.65
N LYS A 244 -7.89 -2.07 -17.47
CA LYS A 244 -6.53 -2.38 -16.99
C LYS A 244 -6.26 -1.54 -15.77
N LEU A 245 -5.80 -2.17 -14.70
CA LEU A 245 -5.43 -1.38 -13.52
C LEU A 245 -3.95 -0.88 -13.63
N ASP A 246 -3.77 0.42 -13.44
CA ASP A 246 -2.47 1.00 -13.63
C ASP A 246 -1.80 1.24 -12.28
N ARG A 247 -0.69 0.52 -12.03
CA ARG A 247 -0.14 0.58 -10.68
C ARG A 247 0.21 1.99 -10.25
N TYR A 248 0.68 2.82 -11.20
CA TYR A 248 1.17 4.16 -10.84
C TYR A 248 0.01 5.03 -10.48
N GLN A 249 -1.09 4.83 -11.18
CA GLN A 249 -2.33 5.51 -10.87
C GLN A 249 -2.86 5.07 -9.53
N PHE A 250 -2.88 3.74 -9.30
CA PHE A 250 -3.15 3.27 -7.97
C PHE A 250 -2.21 3.86 -6.90
N LEU A 251 -0.90 3.65 -7.04
CA LEU A 251 0.01 4.18 -6.02
C LEU A 251 -0.35 5.62 -5.66
N GLU A 252 -0.52 6.45 -6.67
CA GLU A 252 -0.77 7.88 -6.47
C GLU A 252 -2.07 8.18 -5.69
N ARG A 253 -3.16 7.50 -6.06
CA ARG A 253 -4.36 7.59 -5.27
C ARG A 253 -4.12 7.15 -3.81
N LEU A 254 -3.49 5.96 -3.63
CA LEU A 254 -3.12 5.49 -2.29
C LEU A 254 -2.34 6.52 -1.45
N LEU A 255 -1.28 7.13 -2.03
CA LEU A 255 -0.52 8.17 -1.31
C LEU A 255 -1.39 9.36 -0.86
N GLN A 256 -2.32 9.74 -1.73
CA GLN A 256 -3.19 10.84 -1.42
C GLN A 256 -4.12 10.49 -0.25
N GLU A 257 -4.73 9.30 -0.28
CA GLU A 257 -5.52 8.86 0.88
C GLU A 257 -4.73 8.67 2.15
N ILE A 258 -3.54 8.06 2.10
CA ILE A 258 -2.75 7.90 3.31
C ILE A 258 -2.54 9.27 3.89
N GLU A 259 -2.28 10.24 3.03
CA GLU A 259 -2.00 11.58 3.57
C GLU A 259 -3.23 12.26 4.18
N LYS A 260 -4.35 12.21 3.46
CA LYS A 260 -5.63 12.64 4.00
C LYS A 260 -5.88 11.98 5.35
N ARG A 261 -5.83 10.64 5.44
CA ARG A 261 -6.14 10.01 6.76
C ARG A 261 -5.10 10.25 7.84
N TYR A 262 -3.85 10.34 7.44
CA TYR A 262 -2.82 10.72 8.41
C TYR A 262 -3.10 12.12 9.04
N ASN A 263 -3.52 13.11 8.21
CA ASN A 263 -3.87 14.40 8.79
C ASN A 263 -5.08 14.31 9.65
N GLN A 264 -6.13 13.64 9.18
CA GLN A 264 -7.28 13.40 10.10
C GLN A 264 -6.76 12.74 11.36
N PHE A 265 -5.85 11.77 11.22
CA PHE A 265 -5.36 11.07 12.40
C PHE A 265 -4.76 12.01 13.38
N LEU A 266 -3.99 12.98 12.87
CA LEU A 266 -3.35 13.92 13.77
C LEU A 266 -4.32 14.92 14.38
N THR A 267 -5.48 15.13 13.73
CA THR A 267 -6.36 16.23 14.13
C THR A 267 -7.67 15.84 14.82
N LEU A 268 -8.29 14.71 14.44
CA LEU A 268 -9.65 14.35 14.86
C LEU A 268 -9.60 13.28 15.94
N PRO A 269 -10.59 13.26 16.87
CA PRO A 269 -10.70 12.10 17.77
C PRO A 269 -11.34 10.94 16.99
N PHE A 270 -11.18 9.69 17.45
CA PHE A 270 -11.76 8.53 16.68
C PHE A 270 -13.31 8.64 16.41
N SER A 271 -13.98 9.29 17.36
CA SER A 271 -15.42 9.55 17.29
C SER A 271 -15.90 10.21 16.04
N GLU A 272 -15.04 11.02 15.42
CA GLU A 272 -15.37 11.68 14.16
C GLU A 272 -15.41 10.80 12.95
N ILE A 273 -14.65 9.70 12.93
CA ILE A 273 -14.70 8.81 11.73
C ILE A 273 -15.41 7.49 12.03
N ARG A 274 -15.75 7.25 13.30
CA ARG A 274 -16.40 6.03 13.78
C ARG A 274 -17.65 5.53 13.07
N GLU A 275 -18.56 6.42 12.72
CA GLU A 275 -19.73 5.97 11.97
C GLU A 275 -19.31 5.56 10.59
N GLU A 276 -18.37 6.34 10.03
CA GLU A 276 -17.85 6.10 8.65
C GLU A 276 -17.21 4.71 8.53
N TYR A 277 -16.48 4.34 9.59
CA TYR A 277 -15.77 3.06 9.75
C TYR A 277 -16.75 1.92 9.88
N ILE A 278 -17.71 2.10 10.79
CA ILE A 278 -18.89 1.27 10.91
C ILE A 278 -19.57 0.87 9.61
N ALA A 279 -19.85 1.87 8.78
CA ALA A 279 -20.52 1.63 7.47
C ALA A 279 -19.62 0.96 6.42
N ALA A 280 -18.31 0.93 6.69
CA ALA A 280 -17.33 0.33 5.80
C ALA A 280 -17.03 -1.07 6.23
N SER A 281 -17.36 -1.41 7.47
CA SER A 281 -16.97 -2.72 8.00
C SER A 281 -17.90 -3.87 7.59
N ASN A 282 -17.33 -5.07 7.51
CA ASN A 282 -18.08 -6.28 7.09
C ASN A 282 -18.20 -7.34 8.20
N ILE A 283 -17.97 -6.93 9.44
CA ILE A 283 -17.95 -7.88 10.52
C ILE A 283 -19.32 -8.04 11.21
N TRP A 284 -20.36 -7.29 10.82
CA TRP A 284 -21.64 -7.28 11.57
C TRP A 284 -22.65 -8.32 11.08
N ASN A 285 -23.56 -8.71 12.01
CA ASN A 285 -24.70 -9.60 11.72
C ASN A 285 -24.22 -10.87 11.09
N ARG A 286 -23.25 -11.50 11.72
CA ARG A 286 -22.70 -12.74 11.21
C ARG A 286 -21.79 -13.32 12.29
N THR A 287 -21.63 -14.60 12.28
CA THR A 287 -20.85 -15.24 13.30
C THR A 287 -19.35 -15.12 13.03
N LEU A 288 -18.57 -14.89 14.08
CA LEU A 288 -17.14 -14.63 13.92
C LEU A 288 -16.37 -15.58 14.79
N LEU A 289 -15.25 -16.09 14.27
CA LEU A 289 -14.30 -16.90 15.03
C LEU A 289 -13.15 -16.06 15.55
N PHE A 290 -12.89 -16.13 16.84
CA PHE A 290 -11.79 -15.36 17.42
C PHE A 290 -10.69 -16.30 17.80
N THR A 291 -9.41 -15.94 17.61
CA THR A 291 -8.31 -16.73 18.11
C THR A 291 -7.63 -15.88 19.13
N GLU A 292 -7.34 -16.44 20.30
CA GLU A 292 -6.58 -15.73 21.33
C GLU A 292 -5.62 -16.77 21.83
N ASN A 293 -4.41 -16.86 21.28
CA ASN A 293 -3.50 -17.93 21.67
C ASN A 293 -4.04 -19.37 21.55
N ASP A 294 -4.14 -20.05 22.70
CA ASP A 294 -4.79 -21.40 22.84
C ASP A 294 -6.28 -21.37 22.45
N LYS A 295 -7.06 -20.54 23.18
CA LYS A 295 -8.53 -20.47 23.02
C LYS A 295 -8.95 -20.16 21.58
N GLN A 296 -10.08 -20.71 21.19
CA GLN A 296 -10.90 -20.15 20.14
C GLN A 296 -12.33 -20.05 20.62
N PHE A 297 -13.09 -19.12 20.05
CA PHE A 297 -14.46 -18.96 20.45
C PHE A 297 -15.22 -18.21 19.44
N LYS A 298 -16.51 -18.47 19.36
CA LYS A 298 -17.35 -17.81 18.38
C LYS A 298 -17.87 -16.60 19.10
N GLY A 299 -18.45 -15.66 18.35
CA GLY A 299 -18.87 -14.37 18.89
C GLY A 299 -19.50 -13.49 17.86
N GLN A 300 -20.21 -12.46 18.31
CA GLN A 300 -20.77 -11.45 17.44
C GLN A 300 -20.16 -10.09 17.77
N ALA A 301 -20.01 -9.30 16.72
CA ALA A 301 -19.52 -7.96 16.91
C ALA A 301 -20.75 -7.19 17.23
N ILE A 302 -20.75 -6.52 18.39
CA ILE A 302 -21.88 -5.70 18.79
C ILE A 302 -21.73 -4.23 18.36
N ASP A 303 -20.58 -3.62 18.68
CA ASP A 303 -20.33 -2.20 18.36
C ASP A 303 -18.80 -1.95 18.28
N LEU A 304 -18.37 -0.95 17.52
CA LEU A 304 -17.07 -0.25 17.76
C LEU A 304 -17.29 0.96 18.64
N ASP A 305 -16.64 0.98 19.79
CA ASP A 305 -16.73 2.15 20.69
C ASP A 305 -15.84 3.37 20.30
N TYR A 306 -16.10 4.49 20.95
CA TYR A 306 -15.56 5.78 20.60
C TYR A 306 -14.01 5.74 20.63
N ASP A 307 -13.42 4.94 21.52
CA ASP A 307 -11.98 4.75 21.51
C ASP A 307 -11.48 3.62 20.58
N GLY A 308 -12.31 3.16 19.64
CA GLY A 308 -11.97 2.05 18.69
C GLY A 308 -11.82 0.60 19.18
N TYR A 309 -12.20 0.31 20.43
CA TYR A 309 -12.43 -1.08 20.89
C TYR A 309 -13.67 -1.78 20.28
N LEU A 310 -13.51 -3.05 19.86
CA LEU A 310 -14.63 -3.87 19.36
C LEU A 310 -15.35 -4.48 20.59
N ILE A 311 -16.66 -4.23 20.65
CA ILE A 311 -17.53 -4.82 21.67
C ILE A 311 -18.11 -6.13 21.19
N VAL A 312 -17.69 -7.20 21.86
CA VAL A 312 -18.04 -8.53 21.39
C VAL A 312 -18.89 -9.27 22.43
N ARG A 313 -20.03 -9.78 21.96
CA ARG A 313 -20.87 -10.80 22.64
C ARG A 313 -20.49 -12.21 22.13
N ASP A 314 -19.75 -12.96 22.93
CA ASP A 314 -19.30 -14.29 22.52
C ASP A 314 -20.43 -15.34 22.60
N GLU A 315 -20.19 -16.58 22.15
CA GLU A 315 -21.28 -17.59 22.00
C GLU A 315 -21.98 -17.95 23.34
N ALA A 316 -21.28 -17.74 24.46
CA ALA A 316 -21.81 -17.95 25.81
C ALA A 316 -22.48 -16.73 26.53
N GLY A 317 -22.87 -15.69 25.77
CA GLY A 317 -23.43 -14.48 26.33
C GLY A 317 -22.52 -13.49 27.05
N GLU A 318 -21.28 -13.85 27.34
CA GLU A 318 -20.28 -12.90 27.88
C GLU A 318 -19.80 -11.75 26.90
N SER A 319 -19.62 -10.55 27.46
CA SER A 319 -19.19 -9.36 26.72
C SER A 319 -17.71 -9.09 26.89
N HIS A 320 -17.02 -8.84 25.77
CA HIS A 320 -15.64 -8.34 25.85
C HIS A 320 -15.45 -7.05 25.07
N ARG A 321 -14.43 -6.31 25.50
CA ARG A 321 -14.05 -5.04 24.91
C ARG A 321 -12.60 -5.19 24.41
N LEU A 322 -12.41 -5.24 23.08
CA LEU A 322 -11.10 -5.64 22.53
C LEU A 322 -10.40 -4.56 21.71
N ILE A 323 -9.12 -4.33 22.04
CA ILE A 323 -8.27 -3.42 21.26
C ILE A 323 -7.86 -3.95 19.89
N SER A 324 -7.70 -5.27 19.81
CA SER A 324 -7.36 -5.97 18.60
C SER A 324 -7.96 -7.36 18.69
N ALA A 325 -7.99 -8.10 17.59
CA ALA A 325 -8.34 -9.51 17.59
C ALA A 325 -7.88 -10.17 16.30
N ASP A 326 -7.74 -11.51 16.21
CA ASP A 326 -7.90 -12.08 14.85
C ASP A 326 -9.12 -12.89 14.62
N ILE A 327 -9.90 -12.39 13.70
CA ILE A 327 -11.19 -12.82 13.38
C ILE A 327 -11.14 -13.58 12.07
N ASP A 328 -11.79 -14.75 12.01
CA ASP A 328 -12.10 -15.43 10.75
C ASP A 328 -13.59 -15.37 10.59
N PHE A 329 -14.06 -15.63 9.39
CA PHE A 329 -15.49 -15.76 9.19
C PHE A 329 -15.98 -17.22 9.17
#